data_9L6Y
#
_entry.id   9L6Y
#
_cell.length_a   56.300
_cell.length_b   55.280
_cell.length_c   83.050
_cell.angle_alpha   90.00
_cell.angle_beta   106.39
_cell.angle_gamma   90.00
#
_symmetry.space_group_name_H-M   'P 1 21 1'
#
loop_
_entity.id
_entity.type
_entity.pdbx_description
1 polymer 'Large ribosomal subunit protein eL8'
2 polymer 'CS2 RNA'
3 non-polymer 'CALCIUM ION'
#
loop_
_entity_poly.entity_id
_entity_poly.type
_entity_poly.pdbx_seq_one_letter_code
_entity_poly.pdbx_strand_id
1 'polypeptide(L)'
;SYVRFEVPEDMQNEALSLLEKVRESGKVKKGTNSTTLAVSRGLAKLVYIAEDVDPPEIVAHLPLLCEEKNVPYIYVKSKN
DLGRAVGRVYPGASAAIINEGELRKELGSLVEKIKGLQK
;
A,C
2 'polyribonucleotide' GGAUGCAGAGAACGAAAGUUCCAUGACGCAUCC B,D
#
loop_
_chem_comp.id
_chem_comp.type
_chem_comp.name
_chem_comp.formula
A RNA linking ADENOSINE-5'-MONOPHOSPHATE 'C10 H14 N5 O7 P'
C RNA linking CYTIDINE-5'-MONOPHOSPHATE 'C9 H14 N3 O8 P'
CA non-polymer 'CALCIUM ION' 'Ca 2'
G RNA linking GUANOSINE-5'-MONOPHOSPHATE 'C10 H14 N5 O8 P'
U RNA linking URIDINE-5'-MONOPHOSPHATE 'C9 H13 N2 O9 P'
#
# COMPACT_ATOMS: atom_id res chain seq x y z
N TYR A 2 -6.21 2.08 -6.24
CA TYR A 2 -5.99 2.32 -4.81
C TYR A 2 -5.32 3.68 -4.59
N VAL A 3 -6.09 4.75 -4.77
CA VAL A 3 -5.59 6.10 -4.57
C VAL A 3 -5.69 6.46 -3.09
N ARG A 4 -4.58 6.95 -2.53
CA ARG A 4 -4.60 7.41 -1.15
C ARG A 4 -5.33 8.74 -1.03
N PHE A 5 -5.13 9.62 -2.01
CA PHE A 5 -5.83 10.89 -2.10
C PHE A 5 -6.13 11.16 -3.57
N GLU A 6 -6.86 12.25 -3.83
CA GLU A 6 -7.23 12.63 -5.19
C GLU A 6 -6.63 13.99 -5.48
N VAL A 7 -5.71 14.04 -6.44
CA VAL A 7 -5.07 15.30 -6.81
C VAL A 7 -5.96 16.02 -7.82
N PRO A 8 -6.22 17.32 -7.65
CA PRO A 8 -7.00 18.06 -8.64
C PRO A 8 -6.22 18.23 -9.93
N GLU A 9 -6.95 18.53 -11.00
CA GLU A 9 -6.35 18.50 -12.33
C GLU A 9 -5.22 19.50 -12.48
N ASP A 10 -5.41 20.72 -11.98
CA ASP A 10 -4.38 21.75 -12.16
C ASP A 10 -3.09 21.38 -11.44
N MET A 11 -3.21 20.75 -10.27
CA MET A 11 -2.01 20.33 -9.56
C MET A 11 -1.32 19.19 -10.30
N GLN A 12 -2.11 18.29 -10.91
CA GLN A 12 -1.55 17.22 -11.73
C GLN A 12 -0.79 17.77 -12.93
N ASN A 13 -1.33 18.83 -13.55
CA ASN A 13 -0.64 19.46 -14.67
C ASN A 13 0.63 20.16 -14.20
N GLU A 14 0.59 20.78 -13.03
CA GLU A 14 1.80 21.41 -12.49
C GLU A 14 2.91 20.39 -12.29
N ALA A 15 2.57 19.24 -11.71
CA ALA A 15 3.56 18.19 -11.51
C ALA A 15 4.08 17.63 -12.83
N LEU A 16 3.16 17.33 -13.76
CA LEU A 16 3.57 16.78 -15.05
C LEU A 16 4.43 17.75 -15.84
N SER A 17 4.23 19.06 -15.65
CA SER A 17 5.06 20.04 -16.33
C SER A 17 6.41 20.20 -15.64
N LEU A 18 6.42 20.26 -14.31
CA LEU A 18 7.68 20.27 -13.58
C LEU A 18 8.54 19.06 -13.94
N LEU A 19 7.90 17.92 -14.23
CA LEU A 19 8.65 16.75 -14.67
C LEU A 19 9.43 17.03 -15.95
N GLU A 20 8.77 17.63 -16.94
CA GLU A 20 9.46 17.91 -18.20
C GLU A 20 10.53 18.99 -18.04
N LYS A 21 10.31 19.94 -17.14
CA LYS A 21 11.35 20.96 -16.93
C LYS A 21 12.54 20.37 -16.18
N VAL A 22 12.30 19.45 -15.25
CA VAL A 22 13.38 18.80 -14.52
C VAL A 22 14.18 17.87 -15.41
N ARG A 23 13.55 17.31 -16.45
CA ARG A 23 14.24 16.43 -17.39
C ARG A 23 15.67 16.86 -17.71
N GLU A 24 15.87 18.13 -18.05
CA GLU A 24 17.18 18.59 -18.50
C GLU A 24 18.21 18.72 -17.37
N SER A 25 17.97 19.62 -16.43
CA SER A 25 18.95 19.95 -15.40
C SER A 25 18.94 19.00 -14.20
N GLY A 26 17.93 18.12 -14.08
CA GLY A 26 17.84 17.18 -12.99
C GLY A 26 18.07 15.74 -13.43
N LYS A 27 17.62 14.81 -12.59
CA LYS A 27 17.72 13.37 -12.86
C LYS A 27 16.38 12.71 -12.53
N VAL A 28 15.87 11.94 -13.48
CA VAL A 28 14.55 11.32 -13.40
C VAL A 28 14.68 9.84 -13.76
N LYS A 29 13.98 8.98 -13.01
CA LYS A 29 13.89 7.56 -13.33
C LYS A 29 12.44 7.20 -13.68
N LYS A 30 12.28 6.21 -14.53
CA LYS A 30 10.96 5.80 -14.98
C LYS A 30 10.83 4.28 -14.83
N GLY A 31 9.71 3.83 -14.30
CA GLY A 31 9.46 2.42 -14.11
C GLY A 31 9.39 2.06 -12.64
N THR A 32 8.70 0.95 -12.36
CA THR A 32 8.42 0.60 -10.97
C THR A 32 9.66 0.06 -10.27
N ASN A 33 10.51 -0.66 -11.00
CA ASN A 33 11.71 -1.23 -10.39
C ASN A 33 12.62 -0.14 -9.85
N SER A 34 13.09 0.74 -10.76
CA SER A 34 14.02 1.78 -10.38
C SER A 34 13.38 2.76 -9.39
N THR A 35 12.08 3.03 -9.53
CA THR A 35 11.42 3.96 -8.60
C THR A 35 11.35 3.37 -7.20
N THR A 36 10.94 2.11 -7.08
CA THR A 36 10.93 1.47 -5.77
C THR A 36 12.31 1.47 -5.15
N LEU A 37 13.34 1.10 -5.94
CA LEU A 37 14.70 1.16 -5.45
C LEU A 37 15.07 2.54 -4.97
N ALA A 38 14.78 3.57 -5.79
CA ALA A 38 15.16 4.93 -5.45
C ALA A 38 14.49 5.39 -4.16
N VAL A 39 13.26 4.93 -3.90
CA VAL A 39 12.62 5.30 -2.64
C VAL A 39 13.28 4.58 -1.48
N SER A 40 13.53 3.28 -1.63
CA SER A 40 14.13 2.51 -0.55
C SER A 40 15.51 3.03 -0.18
N ARG A 41 16.28 3.52 -1.17
CA ARG A 41 17.61 4.05 -0.93
C ARG A 41 17.60 5.51 -0.51
N GLY A 42 16.43 6.09 -0.24
CA GLY A 42 16.35 7.49 0.15
C GLY A 42 16.87 8.45 -0.90
N LEU A 43 16.67 8.15 -2.18
CA LEU A 43 17.12 9.03 -3.24
C LEU A 43 16.01 9.82 -3.91
N ALA A 44 14.77 9.33 -3.89
CA ALA A 44 13.70 9.96 -4.66
C ALA A 44 13.30 11.28 -4.01
N LYS A 45 13.35 12.37 -4.78
CA LYS A 45 12.81 13.64 -4.32
C LYS A 45 11.29 13.63 -4.36
N LEU A 46 10.71 13.15 -5.46
CA LEU A 46 9.26 13.17 -5.60
C LEU A 46 8.83 12.09 -6.59
N VAL A 47 7.89 11.23 -6.18
CA VAL A 47 7.50 10.11 -7.04
C VAL A 47 6.11 10.34 -7.61
N TYR A 48 5.93 9.89 -8.86
CA TYR A 48 4.67 9.97 -9.60
C TYR A 48 4.13 8.56 -9.79
N ILE A 49 2.84 8.37 -9.52
CA ILE A 49 2.17 7.09 -9.66
C ILE A 49 1.03 7.24 -10.65
N ALA A 50 0.96 6.33 -11.62
CA ALA A 50 -0.11 6.36 -12.60
C ALA A 50 -1.40 5.79 -12.02
N GLU A 51 -2.54 6.31 -12.50
CA GLU A 51 -3.84 5.88 -12.01
C GLU A 51 -4.44 4.73 -12.80
N ASP A 52 -4.06 4.56 -14.06
CA ASP A 52 -4.64 3.53 -14.93
C ASP A 52 -3.74 2.30 -15.05
N VAL A 53 -3.28 1.77 -13.92
CA VAL A 53 -2.42 0.59 -13.89
C VAL A 53 -3.30 -0.63 -13.62
N ASP A 54 -3.21 -1.62 -14.51
CA ASP A 54 -3.95 -2.87 -14.36
C ASP A 54 -3.00 -4.04 -14.58
N PRO A 55 -2.80 -4.92 -13.60
CA PRO A 55 -3.43 -4.95 -12.27
C PRO A 55 -2.92 -3.82 -11.38
N PRO A 56 -3.80 -3.14 -10.65
CA PRO A 56 -3.35 -2.04 -9.79
C PRO A 56 -2.43 -2.48 -8.66
N GLU A 57 -2.22 -3.78 -8.46
CA GLU A 57 -1.33 -4.25 -7.41
C GLU A 57 0.13 -3.94 -7.68
N ILE A 58 0.48 -3.55 -8.90
CA ILE A 58 1.88 -3.33 -9.25
C ILE A 58 2.44 -2.10 -8.53
N VAL A 59 1.66 -1.02 -8.45
CA VAL A 59 2.10 0.22 -7.85
C VAL A 59 1.47 0.45 -6.48
N ALA A 60 0.73 -0.53 -5.95
CA ALA A 60 -0.01 -0.33 -4.71
C ALA A 60 0.91 -0.18 -3.49
N HIS A 61 2.06 -0.86 -3.50
CA HIS A 61 3.00 -0.77 -2.41
C HIS A 61 3.65 0.59 -2.28
N LEU A 62 3.52 1.46 -3.29
CA LEU A 62 4.31 2.69 -3.31
C LEU A 62 3.95 3.66 -2.19
N PRO A 63 2.70 4.09 -2.03
CA PRO A 63 2.42 5.16 -1.05
C PRO A 63 2.89 4.84 0.36
N LEU A 64 2.75 3.58 0.80
CA LEU A 64 3.15 3.24 2.16
C LEU A 64 4.67 3.30 2.31
N LEU A 65 5.41 2.86 1.29
CA LEU A 65 6.87 2.97 1.33
C LEU A 65 7.31 4.43 1.33
N CYS A 66 6.64 5.29 0.55
CA CYS A 66 6.97 6.71 0.58
C CYS A 66 6.65 7.32 1.93
N GLU A 67 5.58 6.88 2.57
CA GLU A 67 5.31 7.36 3.92
C GLU A 67 6.39 6.89 4.89
N GLU A 68 6.86 5.65 4.72
CA GLU A 68 7.93 5.15 5.56
C GLU A 68 9.19 5.99 5.41
N LYS A 69 9.56 6.30 4.17
CA LYS A 69 10.79 7.03 3.90
C LYS A 69 10.58 8.54 3.75
N ASN A 70 9.38 9.05 4.03
CA ASN A 70 9.04 10.47 3.91
C ASN A 70 9.36 11.01 2.51
N VAL A 71 8.75 10.38 1.50
CA VAL A 71 8.89 10.78 0.12
C VAL A 71 7.53 11.23 -0.38
N PRO A 72 7.41 12.42 -0.94
CA PRO A 72 6.10 12.86 -1.46
C PRO A 72 5.75 12.13 -2.75
N TYR A 73 4.53 11.60 -2.80
CA TYR A 73 4.01 10.92 -3.98
C TYR A 73 2.82 11.69 -4.51
N ILE A 74 2.63 11.63 -5.82
CA ILE A 74 1.53 12.31 -6.48
C ILE A 74 0.97 11.39 -7.55
N TYR A 75 -0.35 11.37 -7.68
CA TYR A 75 -1.02 10.53 -8.66
C TYR A 75 -1.26 11.32 -9.94
N VAL A 76 -0.84 10.76 -11.07
CA VAL A 76 -1.10 11.34 -12.39
C VAL A 76 -2.12 10.47 -13.11
N LYS A 77 -2.79 11.10 -14.09
CA LYS A 77 -3.92 10.45 -14.76
C LYS A 77 -3.49 9.20 -15.50
N SER A 78 -2.60 9.33 -16.48
CA SER A 78 -2.24 8.20 -17.32
C SER A 78 -0.76 7.88 -17.21
N LYS A 79 -0.43 6.61 -17.44
CA LYS A 79 0.96 6.19 -17.52
C LYS A 79 1.63 6.72 -18.78
N ASN A 80 0.84 6.98 -19.83
CA ASN A 80 1.37 7.64 -21.02
C ASN A 80 1.82 9.07 -20.71
N ASP A 81 1.12 9.74 -19.80
CA ASP A 81 1.58 11.04 -19.31
C ASP A 81 2.87 10.93 -18.54
N LEU A 82 3.27 9.73 -18.16
CA LEU A 82 4.53 9.48 -17.49
C LEU A 82 5.58 8.95 -18.43
N GLY A 83 5.23 8.73 -19.70
CA GLY A 83 6.15 8.11 -20.63
C GLY A 83 7.26 9.03 -21.10
N ARG A 84 7.03 10.35 -21.04
CA ARG A 84 8.03 11.34 -21.43
C ARG A 84 8.98 11.68 -20.30
N ALA A 85 9.06 10.84 -19.27
CA ALA A 85 9.83 11.18 -18.07
C ALA A 85 11.31 11.35 -18.40
N VAL A 86 11.92 10.36 -19.05
CA VAL A 86 13.33 10.42 -19.41
C VAL A 86 13.61 9.36 -20.45
N GLY A 87 14.57 9.65 -21.33
CA GLY A 87 15.01 8.67 -22.30
C GLY A 87 13.92 8.32 -23.30
N ARG A 88 13.93 7.06 -23.74
CA ARG A 88 12.99 6.58 -24.74
C ARG A 88 11.55 6.84 -24.34
N VAL A 89 10.72 7.22 -25.31
CA VAL A 89 9.30 7.40 -25.05
C VAL A 89 8.67 6.03 -24.89
N TYR A 90 8.22 5.72 -23.67
CA TYR A 90 7.60 4.45 -23.37
C TYR A 90 6.72 4.64 -22.16
N PRO A 91 5.55 4.00 -22.09
CA PRO A 91 4.67 4.17 -20.93
C PRO A 91 5.40 3.87 -19.63
N GLY A 92 4.98 4.53 -18.55
CA GLY A 92 5.54 4.22 -17.25
C GLY A 92 4.51 4.17 -16.14
N ALA A 93 4.39 3.03 -15.47
CA ALA A 93 3.47 2.90 -14.34
C ALA A 93 3.82 3.85 -13.20
N SER A 94 5.09 4.24 -13.09
CA SER A 94 5.54 5.11 -12.02
C SER A 94 6.85 5.75 -12.44
N ALA A 95 7.14 6.90 -11.85
CA ALA A 95 8.40 7.57 -12.09
C ALA A 95 8.86 8.21 -10.79
N ALA A 96 10.07 8.76 -10.81
CA ALA A 96 10.59 9.43 -9.62
C ALA A 96 11.65 10.45 -10.02
N ILE A 97 11.45 11.70 -9.58
CA ILE A 97 12.50 12.71 -9.65
C ILE A 97 13.45 12.50 -8.49
N ILE A 98 14.73 12.29 -8.82
CA ILE A 98 15.77 11.94 -7.85
C ILE A 98 16.53 13.22 -7.50
N ASN A 99 16.75 14.09 -8.48
CA ASN A 99 17.29 15.42 -8.21
C ASN A 99 16.40 16.48 -8.82
N GLU A 100 16.03 17.47 -7.99
CA GLU A 100 15.24 18.60 -8.44
C GLU A 100 15.97 19.42 -9.50
N GLY A 101 17.30 19.47 -9.44
CA GLY A 101 18.04 20.24 -10.43
C GLY A 101 17.85 21.73 -10.22
N GLU A 102 17.64 22.44 -11.34
CA GLU A 102 17.47 23.89 -11.27
C GLU A 102 16.14 24.28 -10.63
N LEU A 103 15.12 23.43 -10.77
CA LEU A 103 13.78 23.75 -10.29
C LEU A 103 13.66 23.34 -8.81
N ARG A 104 14.20 24.19 -7.95
CA ARG A 104 14.22 23.91 -6.51
C ARG A 104 12.97 24.47 -5.83
N LYS A 105 12.73 25.78 -6.01
CA LYS A 105 11.57 26.41 -5.41
C LYS A 105 10.27 25.85 -5.98
N GLU A 106 10.28 25.47 -7.25
CA GLU A 106 9.07 24.91 -7.88
C GLU A 106 8.69 23.58 -7.25
N LEU A 107 9.67 22.69 -7.08
CA LEU A 107 9.41 21.45 -6.38
C LEU A 107 8.99 21.71 -4.94
N GLY A 108 9.58 22.73 -4.30
CA GLY A 108 9.17 23.07 -2.94
C GLY A 108 7.71 23.46 -2.87
N SER A 109 7.27 24.36 -3.74
CA SER A 109 5.87 24.74 -3.81
C SER A 109 4.99 23.54 -4.09
N LEU A 110 5.45 22.64 -4.98
CA LEU A 110 4.63 21.49 -5.32
C LEU A 110 4.46 20.56 -4.12
N VAL A 111 5.54 20.31 -3.37
CA VAL A 111 5.43 19.40 -2.22
C VAL A 111 4.64 20.06 -1.10
N GLU A 112 4.68 21.39 -1.00
CA GLU A 112 3.80 22.08 -0.06
C GLU A 112 2.33 21.85 -0.43
N LYS A 113 2.00 22.04 -1.71
CA LYS A 113 0.62 21.82 -2.15
C LYS A 113 0.19 20.36 -1.99
N ILE A 114 1.12 19.41 -2.14
CA ILE A 114 0.77 18.00 -1.99
C ILE A 114 0.54 17.66 -0.53
N LYS A 115 1.43 18.11 0.36
CA LYS A 115 1.19 17.98 1.79
C LYS A 115 -0.14 18.61 2.19
N GLY A 116 -0.51 19.70 1.52
CA GLY A 116 -1.81 20.31 1.77
C GLY A 116 -2.96 19.34 1.63
N LEU A 117 -2.84 18.37 0.72
CA LEU A 117 -3.90 17.40 0.49
C LEU A 117 -3.96 16.32 1.56
N GLN A 118 -3.11 16.37 2.58
CA GLN A 118 -3.15 15.36 3.63
C GLN A 118 -3.12 16.02 5.01
N TYR C 2 7.65 -5.70 2.52
CA TYR C 2 6.41 -4.93 2.50
C TYR C 2 5.82 -4.82 3.89
N VAL C 3 6.34 -5.65 4.80
CA VAL C 3 5.90 -5.67 6.19
C VAL C 3 6.20 -4.32 6.83
N ARG C 4 5.13 -3.56 7.11
CA ARG C 4 5.30 -2.20 7.64
C ARG C 4 5.90 -2.23 9.03
N PHE C 5 5.27 -2.94 9.96
CA PHE C 5 5.76 -3.06 11.33
C PHE C 5 5.98 -4.52 11.67
N GLU C 6 6.84 -4.74 12.66
CA GLU C 6 7.16 -6.10 13.11
C GLU C 6 6.25 -6.44 14.29
N VAL C 7 5.16 -7.13 13.99
CA VAL C 7 4.27 -7.62 15.06
C VAL C 7 5.03 -8.64 15.91
N PRO C 8 4.95 -8.54 17.24
CA PRO C 8 5.66 -9.51 18.09
C PRO C 8 5.24 -10.94 17.79
N GLU C 9 6.20 -11.86 17.91
CA GLU C 9 5.98 -13.25 17.49
C GLU C 9 4.90 -13.95 18.31
N ASP C 10 4.49 -13.38 19.44
CA ASP C 10 3.44 -13.98 20.26
C ASP C 10 2.09 -13.32 20.05
N MET C 11 2.05 -12.02 19.77
CA MET C 11 0.79 -11.38 19.40
C MET C 11 0.18 -12.06 18.18
N GLN C 12 1.03 -12.58 17.28
CA GLN C 12 0.54 -13.35 16.14
C GLN C 12 -0.18 -14.62 16.58
N ASN C 13 0.36 -15.29 17.60
CA ASN C 13 -0.31 -16.49 18.11
C ASN C 13 -1.62 -16.14 18.80
N GLU C 14 -1.66 -15.00 19.49
CA GLU C 14 -2.93 -14.52 20.04
C GLU C 14 -3.95 -14.32 18.94
N ALA C 15 -3.56 -13.62 17.87
CA ALA C 15 -4.50 -13.33 16.78
C ALA C 15 -4.94 -14.60 16.07
N LEU C 16 -4.03 -15.56 15.91
CA LEU C 16 -4.37 -16.81 15.23
C LEU C 16 -5.26 -17.69 16.09
N SER C 17 -5.05 -17.67 17.41
CA SER C 17 -5.95 -18.39 18.30
C SER C 17 -7.33 -17.75 18.30
N LEU C 18 -7.38 -16.42 18.28
CA LEU C 18 -8.66 -15.73 18.14
C LEU C 18 -9.35 -16.10 16.85
N LEU C 19 -8.59 -16.19 15.76
CA LEU C 19 -9.15 -16.60 14.47
C LEU C 19 -9.74 -18.00 14.56
N GLU C 20 -9.07 -18.92 15.27
CA GLU C 20 -9.62 -20.27 15.38
C GLU C 20 -10.81 -20.32 16.32
N LYS C 21 -10.88 -19.40 17.29
CA LYS C 21 -12.00 -19.41 18.22
C LYS C 21 -13.25 -18.83 17.59
N VAL C 22 -13.11 -17.71 16.87
CA VAL C 22 -14.24 -17.07 16.21
C VAL C 22 -14.89 -17.96 15.16
N ARG C 23 -14.23 -19.06 14.79
CA ARG C 23 -14.71 -19.93 13.73
C ARG C 23 -16.18 -20.32 13.90
N GLU C 24 -16.65 -20.39 15.14
CA GLU C 24 -17.99 -20.93 15.41
C GLU C 24 -19.06 -19.84 15.47
N SER C 25 -18.92 -18.90 16.41
CA SER C 25 -19.93 -17.88 16.64
C SER C 25 -19.92 -16.76 15.61
N GLY C 26 -18.92 -16.69 14.73
CA GLY C 26 -18.81 -15.56 13.81
C GLY C 26 -18.59 -15.95 12.36
N LYS C 27 -18.19 -14.97 11.54
CA LYS C 27 -17.98 -15.16 10.11
C LYS C 27 -16.56 -14.72 9.74
N VAL C 28 -15.82 -15.58 9.04
CA VAL C 28 -14.46 -15.30 8.63
C VAL C 28 -14.25 -15.80 7.20
N LYS C 29 -13.45 -15.05 6.42
CA LYS C 29 -13.12 -15.42 5.04
C LYS C 29 -11.63 -15.69 4.90
N LYS C 30 -11.29 -16.61 4.00
CA LYS C 30 -9.91 -16.95 3.67
C LYS C 30 -9.64 -16.69 2.21
N GLY C 31 -8.42 -16.25 1.91
CA GLY C 31 -8.00 -15.97 0.56
C GLY C 31 -8.02 -14.49 0.25
N THR C 32 -7.32 -14.12 -0.82
CA THR C 32 -7.13 -12.70 -1.15
C THR C 32 -8.38 -12.08 -1.78
N ASN C 33 -9.04 -12.80 -2.69
CA ASN C 33 -10.23 -12.25 -3.34
C ASN C 33 -11.30 -11.90 -2.33
N SER C 34 -11.70 -12.88 -1.51
CA SER C 34 -12.76 -12.63 -0.54
C SER C 34 -12.33 -11.59 0.50
N THR C 35 -11.05 -11.58 0.88
CA THR C 35 -10.59 -10.59 1.86
C THR C 35 -10.68 -9.18 1.31
N THR C 36 -10.18 -8.98 0.09
CA THR C 36 -10.24 -7.67 -0.55
C THR C 36 -11.69 -7.24 -0.75
N LEU C 37 -12.55 -8.17 -1.17
CA LEU C 37 -13.95 -7.84 -1.36
C LEU C 37 -14.62 -7.45 -0.04
N ALA C 38 -14.22 -8.11 1.05
CA ALA C 38 -14.80 -7.79 2.35
C ALA C 38 -14.36 -6.41 2.82
N VAL C 39 -13.06 -6.11 2.72
CA VAL C 39 -12.62 -4.77 3.11
C VAL C 39 -13.29 -3.71 2.25
N SER C 40 -13.36 -3.93 0.94
CA SER C 40 -13.98 -2.97 0.05
C SER C 40 -15.43 -2.74 0.41
N ARG C 41 -16.14 -3.80 0.76
CA ARG C 41 -17.57 -3.71 1.05
C ARG C 41 -17.85 -3.27 2.47
N GLY C 42 -16.86 -2.74 3.18
CA GLY C 42 -17.09 -2.18 4.51
C GLY C 42 -17.64 -3.20 5.47
N LEU C 43 -16.96 -4.35 5.49
CA LEU C 43 -17.38 -5.45 6.37
C LEU C 43 -16.23 -6.05 7.18
N ALA C 44 -14.99 -6.00 6.70
CA ALA C 44 -13.89 -6.66 7.41
C ALA C 44 -13.66 -6.00 8.77
N LYS C 45 -13.53 -6.83 9.79
CA LYS C 45 -13.23 -6.35 11.14
C LYS C 45 -11.79 -6.56 11.54
N LEU C 46 -11.11 -7.59 11.02
CA LEU C 46 -9.68 -7.74 11.30
C LEU C 46 -9.06 -8.60 10.21
N VAL C 47 -8.17 -8.03 9.41
CA VAL C 47 -7.56 -8.78 8.33
C VAL C 47 -6.17 -9.27 8.74
N TYR C 48 -5.78 -10.40 8.16
CA TYR C 48 -4.53 -11.07 8.46
C TYR C 48 -3.75 -11.21 7.17
N ILE C 49 -2.47 -10.82 7.18
CA ILE C 49 -1.61 -10.87 6.01
C ILE C 49 -0.44 -11.79 6.32
N ALA C 50 -0.08 -12.63 5.35
CA ALA C 50 1.04 -13.54 5.53
C ALA C 50 2.34 -12.85 5.12
N GLU C 51 3.45 -13.40 5.60
CA GLU C 51 4.78 -12.87 5.32
C GLU C 51 5.57 -13.69 4.32
N ASP C 52 5.05 -14.83 3.88
CA ASP C 52 5.76 -15.69 2.93
C ASP C 52 5.11 -15.65 1.55
N VAL C 53 4.30 -14.63 1.26
CA VAL C 53 3.63 -14.55 -0.02
C VAL C 53 4.65 -14.22 -1.10
N ASP C 54 4.80 -15.13 -2.06
CA ASP C 54 5.70 -14.95 -3.20
C ASP C 54 4.91 -15.26 -4.47
N PRO C 55 4.72 -14.31 -5.38
CA PRO C 55 5.21 -12.91 -5.37
C PRO C 55 4.49 -12.04 -4.34
N PRO C 56 5.15 -10.97 -3.88
CA PRO C 56 4.56 -10.14 -2.83
C PRO C 56 3.49 -9.17 -3.32
N GLU C 57 3.30 -9.04 -4.63
CA GLU C 57 2.28 -8.13 -5.12
C GLU C 57 0.88 -8.65 -4.90
N ILE C 58 0.73 -9.92 -4.51
CA ILE C 58 -0.59 -10.49 -4.28
C ILE C 58 -1.26 -9.80 -3.10
N VAL C 59 -0.48 -9.48 -2.07
CA VAL C 59 -1.03 -8.85 -0.86
C VAL C 59 -0.52 -7.43 -0.68
N ALA C 60 0.31 -6.94 -1.60
CA ALA C 60 0.93 -5.62 -1.49
C ALA C 60 -0.07 -4.48 -1.42
N HIS C 61 -1.33 -4.71 -1.81
CA HIS C 61 -2.35 -3.68 -1.84
C HIS C 61 -3.18 -3.63 -0.56
N LEU C 62 -3.08 -4.65 0.29
CA LEU C 62 -4.03 -4.77 1.39
C LEU C 62 -3.84 -3.69 2.46
N PRO C 63 -2.64 -3.43 2.98
CA PRO C 63 -2.51 -2.36 3.99
C PRO C 63 -3.01 -1.02 3.53
N LEU C 64 -2.84 -0.66 2.25
CA LEU C 64 -3.35 0.62 1.76
C LEU C 64 -4.86 0.66 1.83
N LEU C 65 -5.53 -0.40 1.36
CA LEU C 65 -6.99 -0.47 1.41
C LEU C 65 -7.50 -0.40 2.85
N CYS C 66 -6.86 -1.15 3.74
CA CYS C 66 -7.23 -1.09 5.15
C CYS C 66 -7.11 0.33 5.70
N GLU C 67 -5.93 0.94 5.54
CA GLU C 67 -5.75 2.27 6.10
C GLU C 67 -6.70 3.29 5.47
N GLU C 68 -7.12 3.08 4.22
CA GLU C 68 -8.13 3.95 3.63
C GLU C 68 -9.53 3.65 4.12
N LYS C 69 -9.78 2.45 4.65
CA LYS C 69 -11.07 2.13 5.25
C LYS C 69 -10.97 1.79 6.73
N ASN C 70 -9.82 2.03 7.35
CA ASN C 70 -9.60 1.80 8.78
C ASN C 70 -10.10 0.43 9.23
N VAL C 71 -9.47 -0.60 8.67
CA VAL C 71 -9.65 -1.98 9.12
C VAL C 71 -8.30 -2.46 9.62
N PRO C 72 -8.16 -2.78 10.90
CA PRO C 72 -6.84 -3.14 11.42
C PRO C 72 -6.28 -4.37 10.71
N TYR C 73 -4.98 -4.33 10.42
CA TYR C 73 -4.28 -5.44 9.80
C TYR C 73 -3.16 -5.91 10.70
N ILE C 74 -2.91 -7.22 10.70
CA ILE C 74 -1.82 -7.84 11.43
C ILE C 74 -1.10 -8.78 10.49
N TYR C 75 0.17 -9.03 10.80
CA TYR C 75 1.03 -9.86 9.96
C TYR C 75 1.33 -11.17 10.68
N VAL C 76 1.01 -12.28 10.04
CA VAL C 76 1.39 -13.59 10.51
C VAL C 76 2.56 -14.08 9.67
N LYS C 77 3.32 -15.03 10.22
CA LYS C 77 4.54 -15.49 9.58
C LYS C 77 4.25 -16.25 8.28
N SER C 78 3.65 -17.42 8.38
CA SER C 78 3.47 -18.28 7.20
C SER C 78 2.01 -18.32 6.77
N LYS C 79 1.81 -18.68 5.51
CA LYS C 79 0.46 -18.84 4.98
C LYS C 79 -0.23 -20.07 5.54
N ASN C 80 0.51 -21.06 6.02
CA ASN C 80 -0.11 -22.28 6.52
C ASN C 80 -0.84 -22.01 7.83
N ASP C 81 -0.29 -21.14 8.69
CA ASP C 81 -0.99 -20.78 9.92
C ASP C 81 -2.31 -20.11 9.60
N LEU C 82 -2.30 -19.21 8.63
CA LEU C 82 -3.56 -18.61 8.20
C LEU C 82 -4.48 -19.63 7.57
N GLY C 83 -3.90 -20.65 6.96
CA GLY C 83 -4.69 -21.58 6.16
C GLY C 83 -5.45 -22.60 6.98
N ARG C 84 -4.78 -23.24 7.94
CA ARG C 84 -5.49 -24.17 8.81
C ARG C 84 -6.53 -23.47 9.67
N ALA C 85 -6.26 -22.24 10.09
CA ALA C 85 -7.06 -21.57 11.11
C ALA C 85 -8.51 -21.33 10.69
N VAL C 86 -8.83 -21.44 9.40
CA VAL C 86 -10.17 -21.14 8.90
C VAL C 86 -10.52 -22.09 7.76
N GLY C 87 -11.82 -22.30 7.57
CA GLY C 87 -12.48 -23.18 6.61
C GLY C 87 -11.75 -24.48 6.39
N ARG C 88 -11.66 -24.89 5.13
CA ARG C 88 -10.86 -26.04 4.76
C ARG C 88 -9.39 -25.75 5.03
N VAL C 89 -8.72 -26.70 5.67
CA VAL C 89 -7.30 -26.54 5.91
C VAL C 89 -6.58 -26.46 4.57
N TYR C 90 -6.10 -25.26 4.24
CA TYR C 90 -5.48 -24.97 2.95
C TYR C 90 -4.82 -23.60 3.05
N PRO C 91 -3.55 -23.46 2.67
CA PRO C 91 -2.81 -22.21 2.92
C PRO C 91 -3.51 -21.01 2.31
N GLY C 92 -3.42 -19.87 3.00
CA GLY C 92 -4.03 -18.65 2.51
C GLY C 92 -3.14 -17.43 2.63
N ALA C 93 -3.00 -16.68 1.54
CA ALA C 93 -2.16 -15.47 1.56
C ALA C 93 -2.70 -14.43 2.52
N SER C 94 -4.02 -14.37 2.68
CA SER C 94 -4.65 -13.42 3.56
C SER C 94 -5.96 -13.99 4.05
N ALA C 95 -6.46 -13.38 5.11
CA ALA C 95 -7.74 -13.79 5.68
C ALA C 95 -8.36 -12.56 6.31
N ALA C 96 -9.59 -12.70 6.79
CA ALA C 96 -10.23 -11.57 7.45
C ALA C 96 -11.38 -12.07 8.31
N ILE C 97 -11.38 -11.69 9.59
CA ILE C 97 -12.55 -11.81 10.44
C ILE C 97 -13.55 -10.75 10.01
N ILE C 98 -14.65 -11.19 9.39
CA ILE C 98 -15.72 -10.30 8.96
C ILE C 98 -16.80 -10.18 10.01
N ASN C 99 -16.83 -11.09 10.98
CA ASN C 99 -17.71 -10.95 12.15
C ASN C 99 -17.12 -11.73 13.31
N GLU C 100 -17.09 -11.12 14.49
CA GLU C 100 -16.34 -11.69 15.61
C GLU C 100 -17.15 -12.64 16.47
N GLY C 101 -18.46 -12.67 16.33
CA GLY C 101 -19.26 -13.58 17.14
C GLY C 101 -19.46 -13.08 18.56
N GLU C 102 -18.96 -13.84 19.53
CA GLU C 102 -19.01 -13.42 20.92
C GLU C 102 -17.67 -12.89 21.42
N LEU C 103 -16.59 -13.18 20.71
CA LEU C 103 -15.26 -12.73 21.10
C LEU C 103 -15.03 -11.31 20.61
N ARG C 104 -15.89 -10.40 21.07
CA ARG C 104 -15.77 -9.01 20.68
C ARG C 104 -14.90 -8.19 21.63
N LYS C 105 -14.83 -8.61 22.90
CA LYS C 105 -13.94 -7.94 23.85
C LYS C 105 -12.49 -8.31 23.60
N GLU C 106 -12.22 -9.59 23.29
CA GLU C 106 -10.88 -9.96 22.84
C GLU C 106 -10.51 -9.21 21.58
N LEU C 107 -11.48 -8.97 20.70
CA LEU C 107 -11.21 -8.18 19.50
C LEU C 107 -10.84 -6.74 19.85
N GLY C 108 -11.57 -6.14 20.79
CA GLY C 108 -11.20 -4.81 21.24
C GLY C 108 -9.78 -4.76 21.78
N SER C 109 -9.46 -5.70 22.68
CA SER C 109 -8.11 -5.74 23.26
C SER C 109 -7.05 -5.96 22.19
N LEU C 110 -7.38 -6.77 21.17
CA LEU C 110 -6.40 -7.09 20.15
C LEU C 110 -6.18 -5.91 19.20
N VAL C 111 -7.26 -5.25 18.76
CA VAL C 111 -7.09 -4.08 17.91
C VAL C 111 -6.40 -2.96 18.67
N GLU C 112 -6.59 -2.88 19.98
CA GLU C 112 -5.85 -1.88 20.73
C GLU C 112 -4.37 -2.23 20.81
N LYS C 113 -4.06 -3.52 21.04
CA LYS C 113 -2.67 -3.97 21.04
C LYS C 113 -1.98 -3.70 19.71
N ILE C 114 -2.72 -3.83 18.60
CA ILE C 114 -2.14 -3.55 17.29
C ILE C 114 -2.01 -2.04 17.09
N LYS C 115 -3.00 -1.27 17.53
CA LYS C 115 -2.91 0.19 17.46
C LYS C 115 -1.70 0.70 18.21
N GLY C 116 -1.28 0.00 19.28
CA GLY C 116 -0.07 0.39 19.97
C GLY C 116 1.17 0.26 19.10
N LEU C 117 1.24 -0.81 18.30
CA LEU C 117 2.39 -1.07 17.44
C LEU C 117 2.62 0.07 16.44
CA CA E . 17.31 -0.86 -32.68
CA CA F . 21.32 -7.99 -39.47
CA CA G . -13.79 -34.72 -4.48
CA CA H . -6.69 -42.52 -3.53
CA CA I . -27.28 -13.08 -27.77
#